data_7NQA
#
_entry.id   7NQA
#
_cell.length_a   83.760
_cell.length_b   96.630
_cell.length_c   100.870
_cell.angle_alpha   90.000
_cell.angle_beta   90.000
_cell.angle_gamma   90.000
#
_symmetry.space_group_name_H-M   'P 21 21 21'
#
loop_
_entity.id
_entity.type
_entity.pdbx_description
1 polymer 'Nuclear pore complex protein Nup98-Nup96'
2 polymer 'Anti-Nup98 Nanobody MS98-6'
3 non-polymer 2-AMINO-2-HYDROXYMETHYL-PROPANE-1,3-DIOL
4 non-polymer 'SODIUM ION'
5 water water
#
loop_
_entity_poly.entity_id
_entity_poly.type
_entity_poly.pdbx_seq_one_letter_code
_entity_poly.pdbx_strand_id
1 'polypeptide(L)'
;SHPAGIILTRDSYYTIPSMEELARSVDENGECIVNGFTIGREGFGSIYFEGIVNLTNLDLDSIVHIRRKEVIVYVDDQNK
PPLGEGLNRPAQVTLDEVWPIDKTSRCMITSPERLSEMNYKSKLENASRKQGAQFVDYRPESGSWVFKVNHF
;
A,B
2 'polypeptide(L)'
;GQVQLVESGGGLAKPGGSLRLSCVATGTFRSMEDVGWYRQAPGKDRELVAEITTLGKVTYADSVKGRFTISRDDAKNAVY
LQMSDLKSEDTAVYYCNIEADQTKGIGYVVYPYWGQGTRVTVSS
;
D,C
#
# COMPACT_ATOMS: atom_id res chain seq x y z
N SER A 1 -1.47 -32.77 2.91
CA SER A 1 -0.44 -33.59 3.52
C SER A 1 -0.40 -33.35 5.02
N HIS A 2 -1.47 -33.79 5.68
CA HIS A 2 -1.54 -33.93 7.13
C HIS A 2 -0.26 -34.45 7.80
N PRO A 3 0.39 -35.53 7.32
CA PRO A 3 1.53 -36.08 8.08
C PRO A 3 2.72 -35.14 8.21
N ALA A 4 2.99 -34.32 7.20
CA ALA A 4 4.07 -33.34 7.28
C ALA A 4 3.68 -32.10 8.07
N GLY A 5 2.47 -32.05 8.62
CA GLY A 5 1.96 -30.85 9.23
C GLY A 5 1.68 -29.71 8.27
N ILE A 6 1.88 -29.89 6.97
CA ILE A 6 1.57 -28.85 6.01
C ILE A 6 0.06 -28.62 5.97
N ILE A 7 -0.36 -27.37 6.02
CA ILE A 7 -1.78 -27.01 6.00
C ILE A 7 -2.05 -26.30 4.67
N LEU A 8 -2.67 -27.02 3.73
CA LEU A 8 -3.12 -26.41 2.46
C LEU A 8 -4.44 -27.05 2.07
N THR A 9 -5.53 -26.31 2.23
CA THR A 9 -6.85 -26.85 1.98
C THR A 9 -7.65 -26.06 0.96
N ARG A 10 -7.18 -24.88 0.56
CA ARG A 10 -8.00 -24.04 -0.30
C ARG A 10 -8.14 -24.65 -1.69
N ASP A 11 -9.35 -24.55 -2.22
CA ASP A 11 -9.55 -25.01 -3.57
C ASP A 11 -8.78 -24.13 -4.54
N SER A 12 -8.22 -24.77 -5.57
CA SER A 12 -7.44 -24.18 -6.66
C SER A 12 -5.96 -24.12 -6.32
N TYR A 13 -5.59 -24.29 -5.06
CA TYR A 13 -4.17 -24.29 -4.69
C TYR A 13 -3.56 -25.68 -4.88
N TYR A 14 -2.27 -25.69 -5.19
CA TYR A 14 -1.51 -26.92 -5.35
C TYR A 14 -0.06 -26.65 -4.99
N THR A 15 0.69 -27.72 -4.71
CA THR A 15 2.12 -27.62 -4.52
C THR A 15 2.83 -28.49 -5.55
N ILE A 16 4.11 -28.15 -5.79
CA ILE A 16 5.05 -29.01 -6.44
C ILE A 16 6.25 -29.17 -5.52
N PRO A 17 6.58 -30.39 -5.07
CA PRO A 17 5.87 -31.66 -5.30
C PRO A 17 4.43 -31.62 -4.77
N SER A 18 3.57 -32.48 -5.31
CA SER A 18 2.16 -32.48 -4.94
C SER A 18 1.98 -32.76 -3.46
N MET A 19 0.89 -32.23 -2.90
CA MET A 19 0.59 -32.45 -1.49
C MET A 19 0.57 -33.94 -1.16
N GLU A 20 0.07 -34.75 -2.09
CA GLU A 20 0.02 -36.19 -1.89
C GLU A 20 1.42 -36.77 -1.82
N GLU A 21 2.34 -36.26 -2.63
CA GLU A 21 3.71 -36.78 -2.59
C GLU A 21 4.44 -36.29 -1.33
N LEU A 22 4.20 -35.04 -0.93
CA LEU A 22 4.79 -34.55 0.30
C LEU A 22 4.33 -35.39 1.49
N ALA A 23 3.10 -35.91 1.43
CA ALA A 23 2.63 -36.82 2.47
C ALA A 23 3.51 -38.06 2.58
N ARG A 24 4.13 -38.50 1.48
CA ARG A 24 5.01 -39.66 1.46
C ARG A 24 6.48 -39.26 1.53
N SER A 25 6.80 -38.07 2.05
CA SER A 25 8.16 -37.55 2.00
C SER A 25 8.66 -37.13 3.38
N VAL A 26 8.11 -37.73 4.44
CA VAL A 26 8.51 -37.38 5.80
C VAL A 26 9.65 -38.29 6.22
N ASP A 27 10.78 -37.69 6.61
CA ASP A 27 11.98 -38.45 6.90
C ASP A 27 11.92 -39.07 8.30
N GLU A 28 13.02 -39.73 8.69
CA GLU A 28 13.11 -40.39 9.98
C GLU A 28 12.96 -39.43 11.16
N ASN A 29 13.10 -38.12 10.91
CA ASN A 29 13.07 -37.10 11.96
C ASN A 29 11.75 -36.35 12.03
N GLY A 30 10.73 -36.83 11.33
CA GLY A 30 9.45 -36.15 11.29
C GLY A 30 9.39 -34.96 10.36
N GLU A 31 10.39 -34.77 9.50
CA GLU A 31 10.48 -33.56 8.69
C GLU A 31 10.29 -33.86 7.21
N CYS A 32 9.71 -32.88 6.53
CA CYS A 32 9.50 -32.87 5.09
C CYS A 32 10.37 -31.76 4.50
N ILE A 33 11.49 -32.16 3.89
CA ILE A 33 12.43 -31.21 3.31
C ILE A 33 12.55 -31.55 1.84
N VAL A 34 12.31 -30.55 0.99
CA VAL A 34 12.39 -30.73 -0.45
C VAL A 34 13.45 -29.80 -1.02
N ASN A 35 13.92 -30.17 -2.21
CA ASN A 35 14.88 -29.39 -2.99
C ASN A 35 14.09 -28.74 -4.13
N GLY A 36 13.73 -27.48 -3.95
CA GLY A 36 12.91 -26.77 -4.92
C GLY A 36 11.43 -26.96 -4.65
N PHE A 37 10.71 -25.88 -4.40
CA PHE A 37 9.33 -25.98 -3.98
C PHE A 37 8.49 -24.92 -4.70
N THR A 38 7.33 -25.34 -5.21
CA THR A 38 6.39 -24.42 -5.83
C THR A 38 5.07 -24.55 -5.10
N ILE A 39 4.44 -23.41 -4.81
CA ILE A 39 3.02 -23.34 -4.48
C ILE A 39 2.35 -22.48 -5.53
N GLY A 40 1.26 -23.01 -6.11
CA GLY A 40 0.58 -22.32 -7.18
C GLY A 40 -0.92 -22.28 -6.93
N ARG A 41 -1.59 -21.42 -7.68
CA ARG A 41 -3.04 -21.34 -7.67
C ARG A 41 -3.52 -21.27 -9.12
N GLU A 42 -4.25 -22.29 -9.56
CA GLU A 42 -4.54 -22.39 -10.99
C GLU A 42 -5.43 -21.22 -11.42
N GLY A 43 -5.12 -20.69 -12.60
CA GLY A 43 -5.76 -19.48 -13.07
C GLY A 43 -5.16 -18.19 -12.54
N PHE A 44 -4.32 -18.23 -11.49
CA PHE A 44 -3.82 -17.01 -10.89
C PHE A 44 -2.31 -16.87 -10.97
N GLY A 45 -1.54 -17.88 -10.54
CA GLY A 45 -0.09 -17.80 -10.61
C GLY A 45 0.57 -18.89 -9.77
N SER A 46 1.87 -18.72 -9.55
CA SER A 46 2.64 -19.67 -8.73
C SER A 46 3.89 -18.96 -8.20
N ILE A 47 4.47 -19.54 -7.16
CA ILE A 47 5.69 -19.03 -6.56
C ILE A 47 6.65 -20.19 -6.41
N TYR A 48 7.82 -20.08 -7.02
CA TYR A 48 8.83 -21.12 -7.00
C TYR A 48 9.98 -20.67 -6.11
N PHE A 49 10.27 -21.47 -5.08
CA PHE A 49 11.38 -21.24 -4.15
C PHE A 49 12.48 -22.24 -4.46
N GLU A 50 13.61 -21.75 -4.94
CA GLU A 50 14.69 -22.66 -5.31
C GLU A 50 15.43 -23.13 -4.06
N GLY A 51 16.05 -24.30 -4.18
CA GLY A 51 16.92 -24.80 -3.13
C GLY A 51 16.17 -25.56 -2.04
N ILE A 52 16.92 -25.85 -0.99
CA ILE A 52 16.47 -26.77 0.04
C ILE A 52 15.51 -26.04 0.97
N VAL A 53 14.26 -26.51 1.01
CA VAL A 53 13.19 -25.88 1.81
C VAL A 53 12.63 -26.92 2.77
N ASN A 54 12.61 -26.57 4.05
CA ASN A 54 11.98 -27.40 5.08
C ASN A 54 10.51 -27.00 5.16
N LEU A 55 9.63 -27.89 4.70
CA LEU A 55 8.21 -27.59 4.63
C LEU A 55 7.45 -27.95 5.89
N THR A 56 8.07 -28.67 6.83
CA THR A 56 7.39 -29.19 8.01
C THR A 56 6.53 -28.13 8.68
N ASN A 57 5.28 -28.50 8.97
CA ASN A 57 4.28 -27.69 9.69
C ASN A 57 4.00 -26.33 9.03
N LEU A 58 4.36 -26.12 7.76
CA LEU A 58 4.09 -24.84 7.12
C LEU A 58 2.59 -24.64 6.94
N ASP A 59 2.06 -23.55 7.50
CA ASP A 59 0.64 -23.22 7.39
C ASP A 59 0.43 -22.38 6.14
N LEU A 60 0.40 -23.06 4.99
CA LEU A 60 0.34 -22.34 3.71
C LEU A 60 -0.99 -21.61 3.53
N ASP A 61 -2.07 -22.12 4.12
CA ASP A 61 -3.34 -21.41 4.05
C ASP A 61 -3.20 -19.99 4.61
N SER A 62 -2.46 -19.84 5.71
CA SER A 62 -2.28 -18.53 6.33
C SER A 62 -1.17 -17.74 5.67
N ILE A 63 -0.15 -18.40 5.14
CA ILE A 63 1.06 -17.71 4.70
C ILE A 63 0.93 -17.18 3.27
N VAL A 64 0.45 -17.99 2.33
CA VAL A 64 0.56 -17.70 0.91
C VAL A 64 -0.80 -17.34 0.33
N HIS A 65 -0.88 -16.19 -0.32
CA HIS A 65 -2.12 -15.75 -0.98
C HIS A 65 -1.74 -15.27 -2.37
N ILE A 66 -2.16 -16.03 -3.38
CA ILE A 66 -1.93 -15.72 -4.77
C ILE A 66 -3.25 -15.21 -5.32
N ARG A 67 -3.31 -13.93 -5.64
CA ARG A 67 -4.54 -13.31 -6.10
C ARG A 67 -4.32 -12.77 -7.50
N ARG A 68 -5.35 -12.13 -8.05
CA ARG A 68 -5.23 -11.53 -9.37
C ARG A 68 -4.20 -10.40 -9.34
N LYS A 69 -3.12 -10.59 -10.08
CA LYS A 69 -2.08 -9.60 -10.30
C LYS A 69 -1.25 -9.27 -9.04
N GLU A 70 -1.27 -10.12 -8.01
CA GLU A 70 -0.41 -9.87 -6.84
C GLU A 70 -0.30 -11.14 -6.03
N VAL A 71 0.79 -11.24 -5.26
CA VAL A 71 0.93 -12.30 -4.27
C VAL A 71 1.20 -11.63 -2.93
N ILE A 72 0.68 -12.25 -1.88
CA ILE A 72 0.93 -11.85 -0.50
C ILE A 72 1.49 -13.06 0.23
N VAL A 73 2.67 -12.89 0.83
CA VAL A 73 3.34 -13.95 1.60
C VAL A 73 3.68 -13.38 2.97
N TYR A 74 3.21 -14.04 4.03
CA TYR A 74 3.28 -13.55 5.40
C TYR A 74 2.53 -12.23 5.50
N VAL A 75 1.28 -12.27 5.98
CA VAL A 75 0.49 -11.04 6.07
C VAL A 75 0.76 -10.26 7.35
N ASP A 76 1.45 -10.85 8.32
CA ASP A 76 1.75 -10.17 9.58
C ASP A 76 3.24 -10.28 9.87
N ASP A 77 3.92 -9.14 9.95
CA ASP A 77 5.36 -9.18 10.20
C ASP A 77 5.72 -9.74 11.56
N GLN A 78 4.79 -9.71 12.52
CA GLN A 78 5.03 -10.36 13.80
C GLN A 78 5.17 -11.86 13.65
N ASN A 79 4.54 -12.45 12.63
CA ASN A 79 4.62 -13.88 12.36
C ASN A 79 5.59 -14.20 11.23
N LYS A 80 6.36 -13.23 10.78
CA LYS A 80 7.29 -13.58 9.70
C LYS A 80 8.59 -14.10 10.30
N PRO A 81 9.09 -15.24 9.81
CA PRO A 81 10.37 -15.77 10.30
C PRO A 81 11.53 -14.96 9.76
N PRO A 82 12.71 -15.10 10.37
CA PRO A 82 13.88 -14.37 9.88
C PRO A 82 14.23 -14.75 8.46
N LEU A 83 14.96 -13.85 7.80
CA LEU A 83 15.50 -14.08 6.46
C LEU A 83 16.09 -15.48 6.32
N GLY A 84 15.67 -16.18 5.28
CA GLY A 84 16.15 -17.52 4.99
C GLY A 84 15.34 -18.64 5.57
N GLU A 85 14.45 -18.35 6.52
CA GLU A 85 13.60 -19.35 7.16
C GLU A 85 12.21 -19.35 6.55
N GLY A 86 11.57 -20.51 6.61
CA GLY A 86 10.26 -20.69 5.99
C GLY A 86 10.28 -20.27 4.55
N LEU A 87 9.26 -19.52 4.13
CA LEU A 87 9.20 -18.99 2.77
C LEU A 87 9.71 -17.56 2.68
N ASN A 88 10.41 -17.05 3.70
CA ASN A 88 11.03 -15.73 3.64
C ASN A 88 12.44 -15.84 3.07
N ARG A 89 12.50 -16.06 1.77
CA ARG A 89 13.72 -16.48 1.08
C ARG A 89 13.54 -16.20 -0.41
N PRO A 90 14.60 -16.35 -1.22
CA PRO A 90 14.48 -16.00 -2.64
C PRO A 90 13.35 -16.77 -3.34
N ALA A 91 12.61 -16.07 -4.19
CA ALA A 91 11.49 -16.69 -4.89
C ALA A 91 11.29 -16.05 -6.25
N GLN A 92 10.70 -16.83 -7.17
CA GLN A 92 10.35 -16.38 -8.51
C GLN A 92 8.84 -16.46 -8.66
N VAL A 93 8.20 -15.33 -8.89
CA VAL A 93 6.75 -15.24 -8.97
C VAL A 93 6.31 -15.22 -10.43
N THR A 94 5.30 -16.02 -10.76
CA THR A 94 4.62 -15.96 -12.05
C THR A 94 3.17 -15.60 -11.77
N LEU A 95 2.71 -14.46 -12.30
CA LEU A 95 1.30 -14.07 -12.22
C LEU A 95 0.66 -14.12 -13.60
N ASP A 96 -0.59 -14.61 -13.65
CA ASP A 96 -1.33 -14.87 -14.89
C ASP A 96 -2.33 -13.74 -15.15
N GLU A 97 -2.58 -13.48 -16.44
CA GLU A 97 -3.62 -12.54 -16.88
C GLU A 97 -3.36 -11.15 -16.31
N VAL A 98 -2.10 -10.74 -16.38
CA VAL A 98 -1.68 -9.43 -15.92
C VAL A 98 -1.87 -8.47 -17.10
N TRP A 99 -3.01 -7.79 -17.09
CA TRP A 99 -3.46 -6.93 -18.17
C TRP A 99 -4.04 -5.67 -17.57
N PRO A 100 -3.89 -4.54 -18.22
CA PRO A 100 -4.47 -3.29 -17.71
C PRO A 100 -5.98 -3.29 -17.90
N ILE A 101 -6.61 -2.37 -17.19
CA ILE A 101 -8.06 -2.20 -17.19
C ILE A 101 -8.36 -0.94 -17.98
N ASP A 102 -9.37 -1.01 -18.85
CA ASP A 102 -9.74 0.17 -19.61
C ASP A 102 -10.27 1.25 -18.67
N LYS A 103 -9.79 2.47 -18.84
CA LYS A 103 -10.06 3.52 -17.87
C LYS A 103 -11.53 3.89 -17.82
N THR A 104 -12.23 3.84 -18.95
CA THR A 104 -13.64 4.20 -18.92
C THR A 104 -14.58 3.00 -18.82
N SER A 105 -14.24 1.87 -19.45
CA SER A 105 -15.14 0.71 -19.50
C SER A 105 -14.85 -0.33 -18.44
N ARG A 106 -13.70 -0.26 -17.77
CA ARG A 106 -13.24 -1.21 -16.77
C ARG A 106 -12.99 -2.61 -17.36
N CYS A 107 -13.02 -2.74 -18.68
CA CYS A 107 -12.75 -4.01 -19.33
C CYS A 107 -11.25 -4.29 -19.39
N MET A 108 -10.90 -5.58 -19.39
CA MET A 108 -9.51 -5.97 -19.59
C MET A 108 -9.02 -5.61 -20.99
N ILE A 109 -7.79 -5.15 -21.08
CA ILE A 109 -7.15 -4.84 -22.36
C ILE A 109 -6.13 -5.93 -22.66
N THR A 110 -6.44 -6.78 -23.66
CA THR A 110 -5.59 -7.90 -24.00
C THR A 110 -4.93 -7.78 -25.37
N SER A 111 -5.37 -6.88 -26.23
CA SER A 111 -4.80 -6.81 -27.57
C SER A 111 -3.32 -6.44 -27.48
N PRO A 112 -2.43 -7.20 -28.11
CA PRO A 112 -1.00 -6.87 -28.04
C PRO A 112 -0.68 -5.51 -28.61
N GLU A 113 -1.50 -5.00 -29.52
CA GLU A 113 -1.26 -3.67 -30.08
C GLU A 113 -1.53 -2.58 -29.07
N ARG A 114 -2.63 -2.70 -28.33
CA ARG A 114 -2.92 -1.72 -27.29
C ARG A 114 -1.94 -1.85 -26.14
N LEU A 115 -1.53 -3.08 -25.82
CA LEU A 115 -0.53 -3.28 -24.76
C LEU A 115 0.78 -2.62 -25.12
N SER A 116 1.19 -2.70 -26.39
CA SER A 116 2.45 -2.10 -26.80
C SER A 116 2.34 -0.58 -26.90
N GLU A 117 1.13 -0.06 -27.12
CA GLU A 117 0.95 1.38 -27.25
C GLU A 117 1.01 2.07 -25.89
N MET A 118 0.47 1.41 -24.86
CA MET A 118 0.62 1.86 -23.48
C MET A 118 1.99 1.60 -22.91
N ASN A 119 2.84 0.86 -23.63
CA ASN A 119 4.05 0.22 -23.09
C ASN A 119 3.78 -0.38 -21.72
N TYR A 120 2.86 -1.35 -21.71
CA TYR A 120 2.48 -1.98 -20.46
C TYR A 120 3.65 -2.77 -19.87
N LYS A 121 4.46 -3.39 -20.73
CA LYS A 121 5.64 -4.10 -20.25
C LYS A 121 6.53 -3.19 -19.42
N SER A 122 6.79 -1.99 -19.94
CA SER A 122 7.59 -1.03 -19.20
C SER A 122 6.91 -0.62 -17.89
N LYS A 123 5.58 -0.58 -17.86
CA LYS A 123 4.90 -0.35 -16.59
C LYS A 123 5.21 -1.46 -15.60
N LEU A 124 5.32 -2.70 -16.08
CA LEU A 124 5.57 -3.79 -15.15
C LEU A 124 7.03 -3.81 -14.71
N GLU A 125 7.93 -3.43 -15.61
CA GLU A 125 9.34 -3.27 -15.26
C GLU A 125 9.51 -2.24 -14.15
N ASN A 126 8.88 -1.06 -14.32
CA ASN A 126 8.93 -0.04 -13.27
C ASN A 126 8.26 -0.52 -11.98
N ALA A 127 7.12 -1.20 -12.08
CA ALA A 127 6.47 -1.67 -10.86
C ALA A 127 7.31 -2.73 -10.17
N SER A 128 7.96 -3.60 -10.94
CA SER A 128 8.91 -4.55 -10.33
C SER A 128 10.01 -3.79 -9.59
N ARG A 129 10.64 -2.82 -10.25
CA ARG A 129 11.74 -2.09 -9.63
C ARG A 129 11.29 -1.36 -8.37
N LYS A 130 10.14 -0.66 -8.44
CA LYS A 130 9.75 0.12 -7.27
C LYS A 130 9.45 -0.77 -6.07
N GLN A 131 9.13 -2.03 -6.29
CA GLN A 131 8.90 -2.96 -5.17
C GLN A 131 10.16 -3.74 -4.78
N GLY A 132 11.30 -3.48 -5.42
CA GLY A 132 12.49 -4.26 -5.13
C GLY A 132 12.54 -5.62 -5.80
N ALA A 133 11.64 -5.89 -6.73
CA ALA A 133 11.68 -7.15 -7.45
C ALA A 133 12.51 -7.02 -8.72
N GLN A 134 12.93 -8.15 -9.24
CA GLN A 134 13.72 -8.21 -10.45
C GLN A 134 12.79 -8.70 -11.56
N PHE A 135 12.47 -7.81 -12.50
CA PHE A 135 11.62 -8.17 -13.62
C PHE A 135 12.30 -9.24 -14.44
N VAL A 136 11.56 -10.28 -14.81
CA VAL A 136 12.09 -11.35 -15.63
C VAL A 136 11.45 -11.40 -17.01
N ASP A 137 10.12 -11.39 -17.06
CA ASP A 137 9.47 -11.57 -18.36
C ASP A 137 8.04 -11.05 -18.29
N TYR A 138 7.52 -10.71 -19.46
CA TYR A 138 6.09 -10.45 -19.64
C TYR A 138 5.67 -11.03 -20.99
N ARG A 139 4.69 -11.92 -20.97
CA ARG A 139 4.13 -12.48 -22.19
C ARG A 139 2.75 -11.86 -22.44
N PRO A 140 2.62 -10.98 -23.43
CA PRO A 140 1.33 -10.28 -23.61
C PRO A 140 0.18 -11.21 -23.96
N GLU A 141 0.42 -12.21 -24.82
CA GLU A 141 -0.67 -13.05 -25.31
C GLU A 141 -1.34 -13.82 -24.18
N SER A 142 -0.62 -14.09 -23.09
CA SER A 142 -1.20 -14.75 -21.92
C SER A 142 -1.24 -13.84 -20.70
N GLY A 143 -0.59 -12.68 -20.75
CA GLY A 143 -0.56 -11.81 -19.59
C GLY A 143 0.28 -12.37 -18.46
N SER A 144 1.29 -13.17 -18.77
CA SER A 144 2.10 -13.79 -17.74
C SER A 144 3.27 -12.88 -17.42
N TRP A 145 3.36 -12.47 -16.17
CA TRP A 145 4.41 -11.60 -15.67
C TRP A 145 5.25 -12.44 -14.70
N VAL A 146 6.56 -12.50 -14.96
CA VAL A 146 7.51 -13.24 -14.13
C VAL A 146 8.49 -12.24 -13.52
N PHE A 147 8.73 -12.37 -12.21
CA PHE A 147 9.73 -11.57 -11.53
C PHE A 147 10.27 -12.34 -10.31
N LYS A 148 11.40 -11.87 -9.78
CA LYS A 148 12.09 -12.57 -8.71
C LYS A 148 12.29 -11.63 -7.54
N VAL A 149 12.26 -12.20 -6.32
CA VAL A 149 12.51 -11.42 -5.10
C VAL A 149 13.57 -12.10 -4.25
N ASN A 150 14.23 -11.31 -3.42
CA ASN A 150 15.20 -11.90 -2.50
C ASN A 150 14.54 -12.53 -1.30
N HIS A 151 13.35 -12.06 -0.93
CA HIS A 151 12.63 -12.56 0.24
C HIS A 151 11.25 -11.91 0.23
N PHE A 152 10.48 -12.11 1.30
CA PHE A 152 9.18 -11.46 1.42
C PHE A 152 9.08 -10.64 2.68
N GLY B 1 -9.68 -2.14 -0.83
CA GLY B 1 -9.19 -0.78 -0.93
C GLY B 1 -10.27 0.24 -1.28
N GLN B 2 -10.02 1.50 -0.92
CA GLN B 2 -10.91 2.61 -1.18
C GLN B 2 -10.13 3.75 -1.82
N VAL B 3 -10.81 4.52 -2.66
CA VAL B 3 -10.28 5.79 -3.18
C VAL B 3 -11.41 6.82 -3.15
N GLN B 4 -11.09 8.03 -2.72
CA GLN B 4 -12.00 9.17 -2.81
C GLN B 4 -11.29 10.28 -3.56
N LEU B 5 -11.98 10.87 -4.55
CA LEU B 5 -11.48 12.01 -5.29
C LEU B 5 -12.25 13.28 -4.92
N VAL B 6 -11.53 14.40 -4.80
CA VAL B 6 -12.14 15.71 -4.59
C VAL B 6 -11.70 16.62 -5.74
N GLU B 7 -12.62 16.93 -6.64
CA GLU B 7 -12.36 17.81 -7.77
C GLU B 7 -12.83 19.22 -7.46
N SER B 8 -12.04 20.21 -7.85
CA SER B 8 -12.35 21.60 -7.55
C SER B 8 -11.68 22.50 -8.58
N GLY B 9 -11.97 23.79 -8.47
CA GLY B 9 -11.40 24.79 -9.35
C GLY B 9 -12.30 25.19 -10.52
N GLY B 10 -13.39 24.48 -10.75
CA GLY B 10 -14.26 24.81 -11.88
C GLY B 10 -15.17 25.98 -11.55
N GLY B 11 -15.41 26.82 -12.55
CA GLY B 11 -16.27 27.97 -12.38
C GLY B 11 -16.63 28.60 -13.72
N LEU B 12 -16.88 29.89 -13.74
CA LEU B 12 -17.21 30.59 -14.97
C LEU B 12 -16.08 31.53 -15.37
N ALA B 13 -15.77 31.53 -16.66
CA ALA B 13 -14.86 32.49 -17.25
C ALA B 13 -15.39 32.90 -18.62
N LYS B 14 -14.92 34.04 -19.10
CA LYS B 14 -15.27 34.48 -20.44
C LYS B 14 -14.13 34.15 -21.39
N PRO B 15 -14.37 34.22 -22.70
CA PRO B 15 -13.30 33.89 -23.67
C PRO B 15 -11.99 34.61 -23.35
N GLY B 16 -10.91 33.84 -23.33
CA GLY B 16 -9.60 34.36 -22.99
C GLY B 16 -9.23 34.27 -21.53
N GLY B 17 -10.17 33.87 -20.67
CA GLY B 17 -9.92 33.79 -19.24
C GLY B 17 -9.14 32.55 -18.86
N SER B 18 -8.94 32.40 -17.54
CA SER B 18 -8.14 31.32 -16.98
C SER B 18 -8.87 30.67 -15.82
N LEU B 19 -8.69 29.34 -15.71
CA LEU B 19 -9.07 28.62 -14.50
C LEU B 19 -8.00 27.58 -14.20
N ARG B 20 -8.07 27.05 -12.98
CA ARG B 20 -7.16 25.98 -12.55
C ARG B 20 -8.01 24.88 -11.95
N LEU B 21 -8.02 23.71 -12.57
CA LEU B 21 -8.70 22.55 -12.03
C LEU B 21 -7.73 21.77 -11.16
N SER B 22 -8.28 21.18 -10.09
CA SER B 22 -7.50 20.40 -9.16
C SER B 22 -8.29 19.15 -8.81
N CYS B 23 -7.59 18.04 -8.64
CA CYS B 23 -8.20 16.82 -8.12
C CYS B 23 -7.23 16.20 -7.12
N VAL B 24 -7.75 15.88 -5.94
CA VAL B 24 -6.96 15.33 -4.84
C VAL B 24 -7.53 13.96 -4.51
N ALA B 25 -6.67 12.96 -4.51
CA ALA B 25 -7.04 11.59 -4.22
C ALA B 25 -6.59 11.21 -2.83
N THR B 26 -7.49 10.63 -2.05
CA THR B 26 -7.17 10.01 -0.77
C THR B 26 -7.70 8.58 -0.80
N GLY B 27 -7.39 7.81 0.24
CA GLY B 27 -7.80 6.43 0.28
C GLY B 27 -6.67 5.52 0.70
N THR B 28 -6.69 4.25 0.27
CA THR B 28 -5.77 3.26 0.78
C THR B 28 -4.77 2.76 -0.25
N PHE B 29 -4.48 3.54 -1.27
CA PHE B 29 -3.72 3.03 -2.39
C PHE B 29 -2.23 3.25 -2.20
N ARG B 30 -1.45 2.48 -2.96
CA ARG B 30 0.01 2.55 -2.93
C ARG B 30 0.55 3.78 -3.63
N SER B 31 -0.06 4.16 -4.77
CA SER B 31 0.43 5.27 -5.59
C SER B 31 -0.60 5.59 -6.66
N MET B 32 -0.46 6.75 -7.28
CA MET B 32 -1.22 7.06 -8.49
C MET B 32 -0.41 6.59 -9.69
N GLU B 33 -1.10 5.97 -10.65
CA GLU B 33 -0.44 5.53 -11.88
C GLU B 33 -0.73 6.50 -13.02
N ASP B 34 -1.50 6.08 -14.05
CA ASP B 34 -1.88 7.05 -15.08
C ASP B 34 -2.94 8.01 -14.54
N VAL B 35 -2.80 9.29 -14.87
CA VAL B 35 -3.76 10.29 -14.46
C VAL B 35 -4.08 11.16 -15.67
N GLY B 36 -5.32 11.65 -15.72
CA GLY B 36 -5.73 12.48 -16.83
C GLY B 36 -6.99 13.28 -16.54
N TRP B 37 -7.14 14.37 -17.29
CA TRP B 37 -8.34 15.19 -17.26
C TRP B 37 -9.18 14.93 -18.51
N TYR B 38 -10.48 14.85 -18.32
CA TYR B 38 -11.43 14.60 -19.41
C TYR B 38 -12.54 15.63 -19.31
N ARG B 39 -13.43 15.65 -20.30
CA ARG B 39 -14.57 16.57 -20.30
C ARG B 39 -15.73 16.01 -21.11
N GLN B 40 -16.94 16.31 -20.64
CA GLN B 40 -18.18 15.89 -21.29
C GLN B 40 -19.14 17.07 -21.36
N ALA B 41 -19.43 17.52 -22.57
CA ALA B 41 -20.50 18.48 -22.82
C ALA B 41 -21.81 17.74 -23.09
N PRO B 42 -22.96 18.42 -23.02
CA PRO B 42 -24.22 17.75 -23.36
C PRO B 42 -24.21 17.32 -24.83
N GLY B 43 -24.82 16.18 -25.11
CA GLY B 43 -24.88 15.65 -26.46
C GLY B 43 -23.58 15.15 -27.05
N LYS B 44 -22.47 15.16 -26.31
CA LYS B 44 -21.20 14.70 -26.85
C LYS B 44 -20.68 13.54 -26.02
N ASP B 45 -19.75 12.79 -26.60
CA ASP B 45 -19.00 11.80 -25.83
C ASP B 45 -17.94 12.48 -24.95
N ARG B 46 -17.69 11.86 -23.80
CA ARG B 46 -16.59 12.29 -22.93
C ARG B 46 -15.27 12.11 -23.65
N GLU B 47 -14.43 13.14 -23.61
CA GLU B 47 -13.21 13.16 -24.39
C GLU B 47 -12.02 13.44 -23.51
N LEU B 48 -10.90 12.82 -23.85
CA LEU B 48 -9.63 13.08 -23.18
C LEU B 48 -9.16 14.50 -23.46
N VAL B 49 -8.77 15.19 -22.40
CA VAL B 49 -8.22 16.54 -22.50
C VAL B 49 -6.70 16.53 -22.37
N ALA B 50 -6.19 15.85 -21.35
CA ALA B 50 -4.75 15.75 -21.11
C ALA B 50 -4.49 14.57 -20.19
N GLU B 51 -3.31 13.97 -20.33
CA GLU B 51 -2.95 12.79 -19.56
C GLU B 51 -1.44 12.76 -19.34
N ILE B 52 -1.05 12.19 -18.19
CA ILE B 52 0.35 11.89 -17.87
C ILE B 52 0.38 10.45 -17.40
N THR B 53 1.00 9.57 -18.18
CA THR B 53 1.03 8.18 -17.74
C THR B 53 1.97 8.02 -16.54
N THR B 54 1.86 6.86 -15.88
CA THR B 54 2.78 6.55 -14.79
C THR B 54 4.23 6.53 -15.23
N LEU B 55 4.48 6.40 -16.54
CA LEU B 55 5.83 6.43 -17.08
C LEU B 55 6.29 7.83 -17.47
N GLY B 56 5.40 8.83 -17.43
CA GLY B 56 5.76 10.21 -17.69
C GLY B 56 5.36 10.75 -19.05
N LYS B 57 4.76 9.93 -19.91
CA LYS B 57 4.34 10.39 -21.23
C LYS B 57 3.14 11.32 -21.09
N VAL B 58 3.25 12.49 -21.72
CA VAL B 58 2.23 13.53 -21.69
C VAL B 58 1.53 13.55 -23.03
N THR B 59 0.21 13.78 -23.00
CA THR B 59 -0.61 13.79 -24.21
C THR B 59 -1.69 14.85 -24.06
N TYR B 60 -1.87 15.68 -25.08
CA TYR B 60 -2.92 16.68 -25.10
C TYR B 60 -3.82 16.43 -26.30
N ALA B 61 -5.12 16.70 -26.12
CA ALA B 61 -6.01 16.78 -27.28
C ALA B 61 -5.55 17.93 -28.16
N ASP B 62 -5.64 17.73 -29.47
CA ASP B 62 -5.19 18.78 -30.39
C ASP B 62 -5.86 20.10 -30.09
N SER B 63 -7.13 20.07 -29.67
CA SER B 63 -7.91 21.29 -29.52
C SER B 63 -7.48 22.14 -28.32
N VAL B 64 -6.75 21.55 -27.36
CA VAL B 64 -6.28 22.30 -26.19
C VAL B 64 -4.77 22.41 -26.13
N LYS B 65 -4.03 21.73 -27.01
CA LYS B 65 -2.57 21.74 -26.94
C LYS B 65 -2.06 23.17 -27.04
N GLY B 66 -1.14 23.53 -26.14
CA GLY B 66 -0.63 24.88 -26.04
C GLY B 66 -1.47 25.83 -25.21
N ARG B 67 -2.69 25.43 -24.84
CA ARG B 67 -3.57 26.22 -23.99
C ARG B 67 -3.73 25.63 -22.59
N PHE B 68 -3.86 24.31 -22.48
CA PHE B 68 -3.99 23.64 -21.20
C PHE B 68 -2.67 22.98 -20.85
N THR B 69 -2.40 22.89 -19.54
CA THR B 69 -1.19 22.25 -19.05
C THR B 69 -1.55 21.37 -17.86
N ILE B 70 -1.32 20.07 -18.00
CA ILE B 70 -1.59 19.11 -16.95
C ILE B 70 -0.31 18.94 -16.14
N SER B 71 -0.46 18.75 -14.84
CA SER B 71 0.68 18.43 -13.97
C SER B 71 0.16 17.55 -12.85
N ARG B 72 1.08 16.85 -12.19
CA ARG B 72 0.73 15.93 -11.12
C ARG B 72 1.73 16.06 -9.97
N ASP B 73 1.24 15.90 -8.75
CA ASP B 73 2.07 15.86 -7.56
C ASP B 73 1.92 14.50 -6.91
N ASP B 74 2.97 13.68 -6.96
CA ASP B 74 2.88 12.32 -6.45
C ASP B 74 3.26 12.22 -4.98
N ALA B 75 3.76 13.28 -4.37
CA ALA B 75 3.84 13.29 -2.91
C ALA B 75 2.47 13.53 -2.30
N LYS B 76 1.73 14.51 -2.83
CA LYS B 76 0.42 14.86 -2.29
C LYS B 76 -0.72 14.12 -2.96
N ASN B 77 -0.45 13.36 -4.01
CA ASN B 77 -1.49 12.64 -4.76
C ASN B 77 -2.58 13.60 -5.24
N ALA B 78 -2.17 14.54 -6.08
CA ALA B 78 -3.05 15.54 -6.64
C ALA B 78 -2.71 15.74 -8.11
N VAL B 79 -3.71 16.13 -8.90
CA VAL B 79 -3.58 16.32 -10.34
C VAL B 79 -4.23 17.65 -10.70
N TYR B 80 -3.56 18.44 -11.53
CA TYR B 80 -3.99 19.79 -11.81
C TYR B 80 -4.10 19.99 -13.31
N LEU B 81 -5.03 20.88 -13.69
CA LEU B 81 -5.14 21.35 -15.07
C LEU B 81 -5.18 22.87 -15.04
N GLN B 82 -4.14 23.50 -15.56
CA GLN B 82 -4.16 24.94 -15.77
C GLN B 82 -4.77 25.18 -17.14
N MET B 83 -5.94 25.84 -17.16
CA MET B 83 -6.65 26.14 -18.40
C MET B 83 -6.54 27.63 -18.67
N SER B 84 -5.83 27.98 -19.74
CA SER B 84 -5.68 29.38 -20.14
C SER B 84 -6.14 29.55 -21.58
N ASP B 85 -6.47 30.80 -21.93
CA ASP B 85 -6.99 31.14 -23.25
C ASP B 85 -8.28 30.37 -23.54
N LEU B 86 -9.23 30.46 -22.61
CA LEU B 86 -10.44 29.64 -22.68
C LEU B 86 -11.34 30.09 -23.82
N LYS B 87 -11.84 29.11 -24.56
CA LYS B 87 -12.77 29.31 -25.67
C LYS B 87 -14.12 28.70 -25.31
N SER B 88 -15.16 29.21 -25.96
CA SER B 88 -16.52 28.85 -25.58
C SER B 88 -16.78 27.35 -25.77
N GLU B 89 -16.09 26.71 -26.72
CA GLU B 89 -16.20 25.27 -26.88
C GLU B 89 -15.61 24.50 -25.71
N ASP B 90 -14.87 25.15 -24.80
CA ASP B 90 -14.33 24.46 -23.64
C ASP B 90 -15.38 24.13 -22.59
N THR B 91 -16.60 24.63 -22.76
CA THR B 91 -17.67 24.41 -21.80
C THR B 91 -18.01 22.91 -21.70
N ALA B 92 -17.93 22.38 -20.48
CA ALA B 92 -18.27 21.00 -20.20
C ALA B 92 -18.03 20.75 -18.73
N VAL B 93 -18.54 19.62 -18.24
CA VAL B 93 -18.10 19.07 -16.97
C VAL B 93 -16.75 18.41 -17.19
N TYR B 94 -15.79 18.72 -16.31
CA TYR B 94 -14.45 18.16 -16.41
C TYR B 94 -14.28 17.08 -15.36
N TYR B 95 -13.69 15.95 -15.76
CA TYR B 95 -13.49 14.80 -14.88
C TYR B 95 -12.03 14.43 -14.86
N CYS B 96 -11.49 14.25 -13.66
CA CYS B 96 -10.15 13.72 -13.49
C CYS B 96 -10.26 12.21 -13.34
N ASN B 97 -9.46 11.48 -14.11
CA ASN B 97 -9.38 10.04 -13.93
C ASN B 97 -8.04 9.72 -13.28
N ILE B 98 -8.08 8.97 -12.19
CA ILE B 98 -6.87 8.60 -11.46
C ILE B 98 -6.82 7.08 -11.37
N GLU B 99 -5.80 6.49 -11.98
CA GLU B 99 -5.50 5.09 -11.74
C GLU B 99 -4.84 4.96 -10.37
N ALA B 100 -5.37 4.09 -9.53
CA ALA B 100 -4.80 3.85 -8.21
C ALA B 100 -4.13 2.48 -8.17
N ASP B 101 -2.85 2.43 -7.76
CA ASP B 101 -2.21 1.15 -7.47
C ASP B 101 -2.74 0.68 -6.11
N GLN B 102 -3.55 -0.39 -6.13
CA GLN B 102 -4.18 -0.95 -4.94
C GLN B 102 -3.54 -2.26 -4.51
N THR B 103 -2.32 -2.52 -4.97
CA THR B 103 -1.62 -3.74 -4.58
C THR B 103 -1.44 -3.78 -3.07
N LYS B 104 -1.70 -4.96 -2.49
CA LYS B 104 -1.48 -5.18 -1.07
C LYS B 104 -0.17 -5.91 -0.78
N GLY B 105 0.20 -6.86 -1.63
CA GLY B 105 1.51 -7.49 -1.51
C GLY B 105 2.47 -6.99 -2.58
N ILE B 106 2.97 -7.90 -3.38
CA ILE B 106 3.83 -7.58 -4.52
C ILE B 106 3.06 -7.87 -5.79
N GLY B 107 2.95 -6.89 -6.67
CA GLY B 107 2.19 -7.06 -7.89
C GLY B 107 1.89 -5.71 -8.53
N TYR B 108 0.79 -5.64 -9.26
CA TYR B 108 0.43 -4.41 -9.96
C TYR B 108 -1.07 -4.37 -10.19
N VAL B 109 -1.81 -4.36 -9.08
CA VAL B 109 -3.26 -4.21 -9.08
C VAL B 109 -3.56 -2.73 -9.24
N VAL B 110 -4.21 -2.39 -10.35
CA VAL B 110 -4.46 -0.98 -10.71
C VAL B 110 -5.90 -0.90 -11.20
N TYR B 111 -6.69 -0.04 -10.57
CA TYR B 111 -8.05 0.24 -11.03
C TYR B 111 -8.18 1.74 -11.25
N PRO B 112 -8.97 2.14 -12.24
CA PRO B 112 -9.19 3.57 -12.51
C PRO B 112 -10.38 4.10 -11.73
N TYR B 113 -10.27 5.35 -11.29
CA TYR B 113 -11.35 5.96 -10.52
C TYR B 113 -11.71 7.33 -11.09
N TRP B 114 -13.01 7.63 -11.07
CA TRP B 114 -13.59 8.88 -11.54
C TRP B 114 -14.17 9.65 -10.36
N GLY B 115 -14.17 10.97 -10.47
CA GLY B 115 -14.89 11.81 -9.54
C GLY B 115 -16.25 12.25 -10.08
N GLN B 116 -16.93 13.08 -9.29
CA GLN B 116 -18.17 13.69 -9.72
C GLN B 116 -17.96 14.83 -10.70
N GLY B 117 -16.73 15.32 -10.81
CA GLY B 117 -16.40 16.31 -11.81
C GLY B 117 -16.51 17.73 -11.31
N THR B 118 -16.09 18.65 -12.16
CA THR B 118 -16.13 20.06 -11.86
C THR B 118 -16.53 20.79 -13.13
N ARG B 119 -17.47 21.72 -13.01
CA ARG B 119 -18.11 22.33 -14.17
C ARG B 119 -17.35 23.58 -14.60
N VAL B 120 -17.10 23.68 -15.91
CA VAL B 120 -16.50 24.86 -16.52
C VAL B 120 -17.50 25.43 -17.52
N THR B 121 -17.80 26.72 -17.38
CA THR B 121 -18.65 27.43 -18.32
C THR B 121 -17.88 28.59 -18.92
N VAL B 122 -17.64 28.56 -20.22
CA VAL B 122 -17.01 29.66 -20.94
C VAL B 122 -18.11 30.35 -21.73
N SER B 123 -18.51 31.53 -21.29
CA SER B 123 -19.68 32.20 -21.84
C SER B 123 -19.27 33.50 -22.53
N SER B 124 -19.84 33.70 -23.71
CA SER B 124 -19.73 34.89 -24.56
C SER B 124 -19.19 36.17 -23.91
N SER C 1 -23.95 -18.52 14.28
CA SER C 1 -25.26 -18.64 13.65
C SER C 1 -25.16 -19.28 12.28
N HIS C 2 -24.49 -20.43 12.23
CA HIS C 2 -24.48 -21.33 11.09
C HIS C 2 -25.89 -21.57 10.54
N PRO C 3 -26.94 -21.59 11.37
CA PRO C 3 -28.31 -21.53 10.79
C PRO C 3 -28.59 -20.27 9.98
N ALA C 4 -27.94 -19.15 10.30
CA ALA C 4 -28.15 -17.92 9.55
C ALA C 4 -27.25 -17.82 8.32
N GLY C 5 -26.54 -18.89 7.97
CA GLY C 5 -25.57 -18.87 6.90
C GLY C 5 -24.29 -18.12 7.23
N ILE C 6 -24.25 -17.42 8.36
CA ILE C 6 -23.07 -16.64 8.73
C ILE C 6 -21.89 -17.56 9.00
N ILE C 7 -20.77 -17.30 8.33
CA ILE C 7 -19.54 -18.06 8.54
C ILE C 7 -18.60 -17.18 9.34
N LEU C 8 -18.29 -17.61 10.56
CA LEU C 8 -17.27 -16.95 11.38
C LEU C 8 -16.71 -18.00 12.34
N THR C 9 -15.60 -18.62 11.95
CA THR C 9 -15.02 -19.71 12.72
C THR C 9 -13.67 -19.40 13.35
N ARG C 10 -13.06 -18.26 13.05
CA ARG C 10 -11.70 -18.00 13.52
C ARG C 10 -11.66 -17.83 15.03
N ASP C 11 -10.62 -18.42 15.64
CA ASP C 11 -10.52 -18.55 17.10
C ASP C 11 -9.98 -17.25 17.72
N SER C 12 -10.80 -16.21 17.63
CA SER C 12 -10.43 -14.89 18.11
C SER C 12 -11.62 -13.96 17.98
N TYR C 13 -12.46 -14.23 17.00
CA TYR C 13 -13.47 -13.28 16.58
C TYR C 13 -14.78 -13.51 17.33
N TYR C 14 -15.58 -12.45 17.39
CA TYR C 14 -16.90 -12.46 18.00
C TYR C 14 -17.74 -11.41 17.29
N THR C 15 -19.04 -11.51 17.46
CA THR C 15 -19.99 -10.50 17.01
C THR C 15 -20.83 -10.05 18.20
N ILE C 16 -21.37 -8.83 18.13
CA ILE C 16 -22.48 -8.43 18.96
C ILE C 16 -23.58 -7.90 18.06
N PRO C 17 -24.78 -8.49 18.04
CA PRO C 17 -25.12 -9.64 18.91
C PRO C 17 -24.28 -10.91 18.70
N SER C 18 -24.15 -11.69 19.77
CA SER C 18 -23.30 -12.88 19.76
C SER C 18 -23.72 -13.85 18.67
N MET C 19 -22.75 -14.64 18.20
CA MET C 19 -23.03 -15.70 17.24
C MET C 19 -24.06 -16.67 17.80
N GLU C 20 -24.01 -16.91 19.11
CA GLU C 20 -25.07 -17.64 19.78
C GLU C 20 -26.43 -16.99 19.54
N GLU C 21 -26.52 -15.68 19.79
CA GLU C 21 -27.82 -15.01 19.80
C GLU C 21 -28.37 -14.83 18.39
N LEU C 22 -27.52 -14.50 17.42
CA LEU C 22 -28.00 -14.32 16.05
C LEU C 22 -28.60 -15.61 15.50
N ALA C 23 -28.21 -16.77 16.03
CA ALA C 23 -28.86 -18.02 15.66
C ALA C 23 -30.31 -18.06 16.15
N ARG C 24 -30.61 -17.38 17.25
CA ARG C 24 -31.97 -17.19 17.74
C ARG C 24 -32.65 -15.98 17.13
N SER C 25 -32.11 -15.42 16.04
CA SER C 25 -32.63 -14.21 15.43
C SER C 25 -33.02 -14.38 13.97
N VAL C 26 -32.93 -15.59 13.42
CA VAL C 26 -33.42 -15.84 12.06
C VAL C 26 -34.94 -15.66 12.06
N ASP C 27 -35.46 -15.03 11.00
CA ASP C 27 -36.87 -14.68 10.96
C ASP C 27 -37.66 -15.68 10.10
N GLU C 28 -38.90 -15.29 9.77
CA GLU C 28 -39.84 -16.14 9.04
C GLU C 28 -39.40 -16.46 7.61
N ASN C 29 -38.41 -15.74 7.06
CA ASN C 29 -37.99 -15.91 5.67
C ASN C 29 -36.65 -16.61 5.53
N GLY C 30 -36.00 -16.98 6.62
CA GLY C 30 -34.64 -17.49 6.57
C GLY C 30 -33.57 -16.43 6.59
N GLU C 31 -33.89 -15.23 7.08
CA GLU C 31 -32.99 -14.09 7.05
C GLU C 31 -32.70 -13.63 8.47
N CYS C 32 -31.45 -13.18 8.67
CA CYS C 32 -30.96 -12.70 9.98
C CYS C 32 -30.65 -11.22 9.83
N ILE C 33 -31.55 -10.37 10.32
CA ILE C 33 -31.46 -8.93 10.17
C ILE C 33 -31.37 -8.30 11.55
N VAL C 34 -30.37 -7.44 11.76
CA VAL C 34 -30.13 -6.82 13.05
C VAL C 34 -30.05 -5.31 12.88
N ASN C 35 -30.19 -4.59 14.00
CA ASN C 35 -30.05 -3.15 14.07
C ASN C 35 -28.82 -2.84 14.90
N GLY C 36 -27.76 -2.40 14.25
CA GLY C 36 -26.47 -2.22 14.92
C GLY C 36 -25.72 -3.54 14.94
N PHE C 37 -24.54 -3.57 14.34
CA PHE C 37 -23.76 -4.79 14.23
C PHE C 37 -22.30 -4.52 14.55
N THR C 38 -21.70 -5.44 15.30
CA THR C 38 -20.28 -5.38 15.61
C THR C 38 -19.65 -6.74 15.32
N ILE C 39 -18.50 -6.72 14.67
CA ILE C 39 -17.60 -7.86 14.63
C ILE C 39 -16.26 -7.40 15.19
N GLY C 40 -15.71 -8.18 16.12
CA GLY C 40 -14.47 -7.83 16.75
C GLY C 40 -13.53 -9.01 16.86
N ARG C 41 -12.28 -8.72 17.24
CA ARG C 41 -11.28 -9.75 17.47
C ARG C 41 -10.54 -9.39 18.76
N GLU C 42 -10.71 -10.21 19.80
CA GLU C 42 -10.22 -9.86 21.14
C GLU C 42 -8.74 -9.51 21.13
N GLY C 43 -8.40 -8.37 21.73
CA GLY C 43 -7.03 -7.91 21.76
C GLY C 43 -6.56 -7.19 20.53
N PHE C 44 -7.35 -7.19 19.44
CA PHE C 44 -6.93 -6.52 18.22
C PHE C 44 -7.80 -5.31 17.88
N GLY C 45 -9.12 -5.46 17.90
CA GLY C 45 -10.00 -4.35 17.63
C GLY C 45 -11.40 -4.82 17.36
N SER C 46 -12.23 -3.88 16.90
CA SER C 46 -13.62 -4.20 16.57
C SER C 46 -14.16 -3.15 15.60
N ILE C 47 -15.23 -3.52 14.91
CA ILE C 47 -15.83 -2.69 13.87
C ILE C 47 -17.33 -2.65 14.10
N TYR C 48 -17.87 -1.45 14.29
CA TYR C 48 -19.28 -1.26 14.61
C TYR C 48 -20.01 -0.65 13.43
N PHE C 49 -21.07 -1.31 12.98
CA PHE C 49 -21.95 -0.83 11.91
C PHE C 49 -23.28 -0.43 12.51
N GLU C 50 -23.60 0.87 12.48
CA GLU C 50 -24.89 1.32 12.97
C GLU C 50 -25.96 1.16 11.89
N GLY C 51 -27.20 0.98 12.33
CA GLY C 51 -28.31 0.81 11.42
C GLY C 51 -28.63 -0.64 11.15
N ILE C 52 -29.61 -0.83 10.26
CA ILE C 52 -30.15 -2.16 9.98
C ILE C 52 -29.21 -2.89 9.03
N VAL C 53 -28.90 -4.15 9.35
CA VAL C 53 -27.90 -4.92 8.61
C VAL C 53 -28.42 -6.33 8.35
N ASN C 54 -28.51 -6.71 7.07
CA ASN C 54 -28.90 -8.07 6.69
C ASN C 54 -27.64 -8.93 6.68
N LEU C 55 -27.54 -9.85 7.63
CA LEU C 55 -26.36 -10.67 7.84
C LEU C 55 -26.40 -12.02 7.14
N THR C 56 -27.54 -12.37 6.55
CA THR C 56 -27.72 -13.68 5.94
C THR C 56 -26.58 -14.04 5.01
N ASN C 57 -26.04 -15.24 5.20
CA ASN C 57 -24.96 -15.82 4.39
C ASN C 57 -23.67 -15.01 4.41
N LEU C 58 -23.51 -14.04 5.31
CA LEU C 58 -22.27 -13.25 5.33
C LEU C 58 -21.09 -14.12 5.72
N ASP C 59 -20.16 -14.30 4.78
CA ASP C 59 -18.93 -15.05 5.03
C ASP C 59 -17.91 -14.10 5.69
N LEU C 60 -18.11 -13.86 6.99
CA LEU C 60 -17.22 -12.95 7.72
C LEU C 60 -15.77 -13.43 7.70
N ASP C 61 -15.55 -14.74 7.65
CA ASP C 61 -14.19 -15.26 7.65
C ASP C 61 -13.42 -14.75 6.43
N SER C 62 -14.08 -14.66 5.27
CA SER C 62 -13.42 -14.11 4.08
C SER C 62 -13.41 -12.59 4.06
N ILE C 63 -14.40 -11.94 4.67
CA ILE C 63 -14.62 -10.51 4.47
C ILE C 63 -13.84 -9.66 5.47
N VAL C 64 -13.89 -10.01 6.76
CA VAL C 64 -13.39 -9.13 7.81
C VAL C 64 -12.07 -9.65 8.34
N HIS C 65 -11.05 -8.82 8.29
CA HIS C 65 -9.75 -9.16 8.86
C HIS C 65 -9.33 -8.02 9.76
N ILE C 66 -9.34 -8.28 11.06
CA ILE C 66 -8.91 -7.32 12.05
C ILE C 66 -7.52 -7.73 12.51
N ARG C 67 -6.53 -6.87 12.26
CA ARG C 67 -5.14 -7.22 12.52
C ARG C 67 -4.51 -6.16 13.41
N ARG C 68 -3.20 -6.25 13.64
CA ARG C 68 -2.56 -5.25 14.49
C ARG C 68 -2.48 -3.93 13.74
N LYS C 69 -3.22 -2.93 14.22
CA LYS C 69 -3.14 -1.56 13.72
C LYS C 69 -3.68 -1.42 12.28
N GLU C 70 -4.62 -2.27 11.88
CA GLU C 70 -5.27 -2.16 10.58
C GLU C 70 -6.44 -3.13 10.51
N VAL C 71 -7.46 -2.74 9.73
CA VAL C 71 -8.54 -3.63 9.37
C VAL C 71 -8.59 -3.72 7.86
N ILE C 72 -9.03 -4.88 7.37
CA ILE C 72 -9.38 -5.07 5.97
C ILE C 72 -10.80 -5.61 5.93
N VAL C 73 -11.64 -4.96 5.14
CA VAL C 73 -13.00 -5.43 4.89
C VAL C 73 -13.16 -5.53 3.38
N TYR C 74 -13.41 -6.75 2.89
CA TYR C 74 -13.43 -7.13 1.48
C TYR C 74 -12.02 -7.07 0.89
N VAL C 75 -11.38 -8.23 0.73
CA VAL C 75 -9.99 -8.29 0.29
C VAL C 75 -9.86 -8.01 -1.21
N ASP C 76 -10.90 -8.34 -2.00
CA ASP C 76 -10.87 -8.20 -3.45
C ASP C 76 -11.78 -7.03 -3.82
N ASP C 77 -11.17 -5.93 -4.31
CA ASP C 77 -11.90 -4.76 -4.75
C ASP C 77 -12.67 -4.98 -6.04
N GLN C 78 -12.54 -6.16 -6.66
CA GLN C 78 -13.31 -6.51 -7.85
C GLN C 78 -14.63 -7.15 -7.49
N ASN C 79 -14.63 -8.06 -6.52
CA ASN C 79 -15.85 -8.70 -6.04
C ASN C 79 -16.19 -8.14 -4.65
N LYS C 80 -16.58 -6.88 -4.62
CA LYS C 80 -17.06 -6.17 -3.46
C LYS C 80 -18.48 -5.68 -3.72
N PRO C 81 -19.42 -5.91 -2.81
CA PRO C 81 -20.83 -5.57 -3.07
C PRO C 81 -21.01 -4.06 -3.23
N PRO C 82 -22.06 -3.64 -3.91
CA PRO C 82 -22.29 -2.20 -4.12
C PRO C 82 -22.45 -1.46 -2.79
N LEU C 83 -22.39 -0.13 -2.89
CA LEU C 83 -22.45 0.70 -1.70
C LEU C 83 -23.74 0.44 -0.93
N GLY C 84 -23.61 0.38 0.40
CA GLY C 84 -24.75 0.17 1.27
C GLY C 84 -25.17 -1.27 1.47
N GLU C 85 -24.63 -2.20 0.69
CA GLU C 85 -24.94 -3.62 0.83
C GLU C 85 -23.77 -4.35 1.48
N GLY C 86 -24.10 -5.42 2.23
CA GLY C 86 -23.09 -6.13 2.99
C GLY C 86 -22.52 -5.25 4.09
N LEU C 87 -21.21 -5.34 4.30
CA LEU C 87 -20.53 -4.45 5.22
C LEU C 87 -19.88 -3.26 4.51
N ASN C 88 -20.22 -3.05 3.25
CA ASN C 88 -19.75 -1.89 2.49
C ASN C 88 -20.66 -0.71 2.81
N ARG C 89 -20.53 -0.24 4.04
CA ARG C 89 -21.45 0.76 4.60
C ARG C 89 -20.69 1.50 5.70
N PRO C 90 -21.23 2.62 6.18
CA PRO C 90 -20.53 3.37 7.23
C PRO C 90 -20.23 2.48 8.44
N ALA C 91 -19.07 2.73 9.04
CA ALA C 91 -18.60 1.88 10.14
C ALA C 91 -17.69 2.71 11.04
N GLN C 92 -17.70 2.37 12.32
CA GLN C 92 -16.72 2.89 13.27
C GLN C 92 -15.74 1.79 13.60
N VAL C 93 -14.45 2.10 13.41
CA VAL C 93 -13.34 1.17 13.64
C VAL C 93 -12.64 1.57 14.95
N THR C 94 -12.36 0.59 15.79
CA THR C 94 -11.49 0.79 16.94
C THR C 94 -10.39 -0.26 16.90
N LEU C 95 -9.14 0.20 16.80
CA LEU C 95 -7.96 -0.66 16.84
C LEU C 95 -7.28 -0.50 18.18
N ASP C 96 -6.83 -1.62 18.75
CA ASP C 96 -6.19 -1.71 20.05
C ASP C 96 -4.67 -1.76 19.92
N GLU C 97 -3.98 -1.23 20.94
CA GLU C 97 -2.51 -1.29 21.04
C GLU C 97 -1.85 -0.60 19.84
N VAL C 98 -2.44 0.50 19.41
CA VAL C 98 -1.87 1.34 18.36
C VAL C 98 -0.82 2.26 19.00
N TRP C 99 0.42 1.79 19.01
CA TRP C 99 1.58 2.47 19.55
C TRP C 99 2.70 2.43 18.54
N PRO C 100 3.55 3.45 18.51
CA PRO C 100 4.70 3.43 17.62
C PRO C 100 5.76 2.47 18.12
N ILE C 101 6.71 2.21 17.23
CA ILE C 101 7.75 1.22 17.43
C ILE C 101 9.08 1.96 17.46
N ASP C 102 9.92 1.65 18.45
CA ASP C 102 11.19 2.32 18.56
C ASP C 102 12.04 2.03 17.32
N LYS C 103 12.63 3.08 16.75
CA LYS C 103 13.31 2.95 15.45
C LYS C 103 14.52 2.03 15.53
N THR C 104 15.15 1.92 16.69
CA THR C 104 16.34 1.06 16.85
C THR C 104 16.02 -0.32 17.40
N SER C 105 15.32 -0.39 18.54
CA SER C 105 15.07 -1.65 19.23
C SER C 105 13.86 -2.40 18.74
N ARG C 106 12.99 -1.76 17.96
CA ARG C 106 11.71 -2.30 17.53
C ARG C 106 10.74 -2.55 18.70
N CYS C 107 11.01 -2.00 19.88
CA CYS C 107 10.06 -2.13 20.98
C CYS C 107 8.91 -1.14 20.87
N MET C 108 7.75 -1.57 21.35
CA MET C 108 6.60 -0.68 21.42
C MET C 108 6.88 0.45 22.40
N ILE C 109 6.49 1.66 22.01
CA ILE C 109 6.57 2.82 22.90
C ILE C 109 5.18 3.08 23.46
N THR C 110 5.02 2.86 24.76
CA THR C 110 3.73 3.06 25.41
C THR C 110 3.71 4.27 26.34
N SER C 111 4.87 4.85 26.66
CA SER C 111 4.96 5.96 27.60
C SER C 111 4.11 7.12 27.12
N PRO C 112 3.11 7.54 27.89
CA PRO C 112 2.26 8.66 27.44
C PRO C 112 3.03 9.93 27.17
N GLU C 113 4.15 10.17 27.85
CA GLU C 113 4.90 11.39 27.59
C GLU C 113 5.72 11.28 26.30
N ARG C 114 6.20 10.10 25.95
CA ARG C 114 6.91 9.99 24.68
C ARG C 114 5.94 10.05 23.51
N LEU C 115 4.71 9.58 23.70
CA LEU C 115 3.68 9.72 22.68
C LEU C 115 3.39 11.18 22.37
N SER C 116 3.23 12.01 23.41
CA SER C 116 2.96 13.43 23.20
C SER C 116 4.16 14.15 22.61
N GLU C 117 5.38 13.68 22.90
CA GLU C 117 6.55 14.35 22.35
C GLU C 117 6.71 14.02 20.88
N MET C 118 6.38 12.78 20.50
CA MET C 118 6.24 12.42 19.09
C MET C 118 5.04 13.08 18.43
N ASN C 119 4.13 13.66 19.21
CA ASN C 119 2.79 14.00 18.75
C ASN C 119 2.20 12.83 17.96
N TYR C 120 2.19 11.65 18.58
CA TYR C 120 1.69 10.47 17.90
C TYR C 120 0.22 10.62 17.55
N LYS C 121 -0.55 11.28 18.43
CA LYS C 121 -1.95 11.55 18.14
C LYS C 121 -2.10 12.24 16.80
N SER C 122 -1.31 13.29 16.56
CA SER C 122 -1.39 13.99 15.28
C SER C 122 -0.97 13.09 14.13
N LYS C 123 -0.03 12.18 14.37
CA LYS C 123 0.30 11.18 13.35
C LYS C 123 -0.91 10.37 12.94
N LEU C 124 -1.78 10.03 13.90
CA LEU C 124 -2.96 9.23 13.56
C LEU C 124 -4.06 10.06 12.90
N GLU C 125 -4.21 11.34 13.29
CA GLU C 125 -5.14 12.22 12.60
C GLU C 125 -4.79 12.33 11.14
N ASN C 126 -3.51 12.55 10.83
CA ASN C 126 -3.07 12.63 9.44
C ASN C 126 -3.27 11.30 8.74
N ALA C 127 -2.91 10.18 9.37
CA ALA C 127 -3.15 8.88 8.76
C ALA C 127 -4.64 8.68 8.48
N SER C 128 -5.49 9.02 9.45
CA SER C 128 -6.93 8.99 9.24
C SER C 128 -7.31 9.83 8.03
N ARG C 129 -6.80 11.06 7.98
CA ARG C 129 -7.21 12.00 6.95
C ARG C 129 -6.75 11.52 5.57
N LYS C 130 -5.53 10.98 5.48
CA LYS C 130 -4.99 10.55 4.19
C LYS C 130 -5.71 9.34 3.63
N GLN C 131 -6.38 8.58 4.47
CA GLN C 131 -7.11 7.40 4.02
C GLN C 131 -8.58 7.68 3.78
N GLY C 132 -9.02 8.94 3.87
CA GLY C 132 -10.42 9.24 3.72
C GLY C 132 -11.27 8.92 4.92
N ALA C 133 -10.66 8.60 6.05
CA ALA C 133 -11.41 8.34 7.27
C ALA C 133 -11.45 9.61 8.12
N GLN C 134 -12.41 9.65 9.03
CA GLN C 134 -12.55 10.76 9.97
C GLN C 134 -11.99 10.33 11.32
N PHE C 135 -10.98 11.06 11.80
CA PHE C 135 -10.42 10.76 13.11
C PHE C 135 -11.47 11.00 14.19
N VAL C 136 -11.51 10.10 15.18
CA VAL C 136 -12.46 10.24 16.28
C VAL C 136 -11.72 10.41 17.60
N ASP C 137 -10.85 9.45 17.95
CA ASP C 137 -10.22 9.53 19.25
C ASP C 137 -8.94 8.70 19.27
N TYR C 138 -8.11 8.97 20.27
CA TYR C 138 -6.95 8.14 20.57
C TYR C 138 -6.76 8.15 22.07
N ARG C 139 -6.79 6.96 22.68
CA ARG C 139 -6.59 6.84 24.11
C ARG C 139 -5.20 6.26 24.38
N PRO C 140 -4.24 7.10 24.76
CA PRO C 140 -2.85 6.62 24.86
C PRO C 140 -2.67 5.47 25.83
N GLU C 141 -3.36 5.50 26.98
CA GLU C 141 -3.22 4.46 27.98
C GLU C 141 -3.40 3.07 27.38
N SER C 142 -4.41 2.92 26.52
CA SER C 142 -4.74 1.65 25.90
C SER C 142 -4.16 1.51 24.51
N GLY C 143 -3.84 2.62 23.85
CA GLY C 143 -3.51 2.53 22.43
C GLY C 143 -4.73 2.31 21.57
N SER C 144 -5.89 2.77 22.03
CA SER C 144 -7.12 2.55 21.28
C SER C 144 -7.36 3.71 20.33
N TRP C 145 -7.35 3.41 19.05
CA TRP C 145 -7.52 4.38 17.98
C TRP C 145 -8.91 4.19 17.37
N VAL C 146 -9.72 5.24 17.40
CA VAL C 146 -11.09 5.19 16.91
C VAL C 146 -11.22 6.12 15.71
N PHE C 147 -11.75 5.59 14.61
CA PHE C 147 -12.06 6.40 13.45
C PHE C 147 -13.26 5.78 12.75
N LYS C 148 -13.86 6.54 11.84
CA LYS C 148 -15.03 6.08 11.13
C LYS C 148 -14.83 6.28 9.63
N VAL C 149 -15.50 5.44 8.83
CA VAL C 149 -15.43 5.51 7.38
C VAL C 149 -16.85 5.54 6.83
N ASN C 150 -16.97 6.02 5.60
CA ASN C 150 -18.27 5.97 4.94
C ASN C 150 -18.53 4.60 4.34
N HIS C 151 -17.48 3.84 4.04
CA HIS C 151 -17.61 2.50 3.49
C HIS C 151 -16.23 1.87 3.35
N PHE C 152 -16.17 0.68 2.77
CA PHE C 152 -14.88 0.02 2.55
C PHE C 152 -14.57 -0.21 1.08
N GLY D 1 4.80 -7.35 4.07
CA GLY D 1 5.47 -6.31 3.32
C GLY D 1 6.99 -6.26 3.54
N GLN D 2 7.68 -5.49 2.71
CA GLN D 2 9.13 -5.44 2.81
C GLN D 2 9.62 -4.09 2.30
N VAL D 3 10.87 -3.81 2.63
CA VAL D 3 11.57 -2.58 2.26
C VAL D 3 13.01 -2.94 1.93
N GLN D 4 13.55 -2.31 0.89
CA GLN D 4 14.96 -2.38 0.57
C GLN D 4 15.48 -0.96 0.50
N LEU D 5 16.63 -0.73 1.11
CA LEU D 5 17.28 0.58 1.13
C LEU D 5 18.56 0.52 0.32
N VAL D 6 18.75 1.49 -0.55
CA VAL D 6 20.02 1.64 -1.26
C VAL D 6 20.60 2.98 -0.81
N GLU D 7 21.68 2.92 -0.05
CA GLU D 7 22.35 4.09 0.47
C GLU D 7 23.64 4.29 -0.32
N SER D 8 23.95 5.55 -0.62
CA SER D 8 25.09 5.88 -1.46
C SER D 8 25.47 7.31 -1.16
N GLY D 9 26.54 7.79 -1.81
CA GLY D 9 27.02 9.14 -1.65
C GLY D 9 28.23 9.30 -0.72
N GLY D 10 28.58 8.27 0.04
CA GLY D 10 29.75 8.34 0.88
C GLY D 10 31.05 8.24 0.10
N GLY D 11 32.15 8.41 0.81
CA GLY D 11 33.45 8.35 0.17
C GLY D 11 34.49 9.10 0.98
N LEU D 12 35.50 9.59 0.28
CA LEU D 12 36.69 10.20 0.88
C LEU D 12 36.66 11.70 0.64
N ALA D 13 36.71 12.47 1.73
CA ALA D 13 36.76 13.91 1.67
C ALA D 13 37.90 14.43 2.53
N LYS D 14 38.32 15.64 2.22
CA LYS D 14 39.22 16.39 3.07
C LYS D 14 38.44 17.37 3.93
N PRO D 15 39.02 17.82 5.04
CA PRO D 15 38.35 18.82 5.88
C PRO D 15 37.92 20.02 5.05
N GLY D 16 36.73 20.52 5.34
CA GLY D 16 36.15 21.60 4.58
C GLY D 16 35.42 21.18 3.32
N GLY D 17 35.50 19.91 2.94
CA GLY D 17 34.87 19.44 1.73
C GLY D 17 33.39 19.15 1.92
N SER D 18 32.80 18.57 0.87
CA SER D 18 31.37 18.29 0.90
C SER D 18 31.11 16.90 0.34
N LEU D 19 30.01 16.31 0.79
CA LEU D 19 29.46 15.11 0.23
C LEU D 19 27.95 15.22 0.29
N ARG D 20 27.27 14.34 -0.43
CA ARG D 20 25.82 14.31 -0.43
C ARG D 20 25.41 12.85 -0.33
N LEU D 21 24.71 12.50 0.73
CA LEU D 21 24.29 11.13 0.91
C LEU D 21 22.90 10.93 0.35
N SER D 22 22.63 9.73 -0.12
CA SER D 22 21.32 9.41 -0.65
C SER D 22 20.88 8.07 -0.11
N CYS D 23 19.61 7.97 0.21
CA CYS D 23 18.98 6.69 0.51
C CYS D 23 17.70 6.60 -0.32
N VAL D 24 17.57 5.54 -1.10
CA VAL D 24 16.37 5.29 -1.91
C VAL D 24 15.69 4.05 -1.35
N ALA D 25 14.42 4.19 -0.98
CA ALA D 25 13.63 3.10 -0.43
C ALA D 25 12.72 2.50 -1.49
N THR D 26 12.77 1.17 -1.62
CA THR D 26 11.83 0.42 -2.44
C THR D 26 11.13 -0.62 -1.57
N GLY D 27 10.05 -1.18 -2.11
CA GLY D 27 9.32 -2.23 -1.41
C GLY D 27 7.83 -2.09 -1.58
N THR D 28 7.06 -2.58 -0.60
CA THR D 28 5.62 -2.71 -0.66
C THR D 28 4.88 -1.59 0.06
N PHE D 29 5.59 -0.59 0.54
CA PHE D 29 4.97 0.33 1.46
C PHE D 29 4.11 1.38 0.75
N ARG D 30 3.28 2.02 1.55
CA ARG D 30 2.31 3.02 1.14
C ARG D 30 2.90 4.41 1.19
N SER D 31 3.90 4.62 2.04
CA SER D 31 4.48 5.93 2.25
C SER D 31 5.65 5.79 3.21
N MET D 32 6.57 6.76 3.15
CA MET D 32 7.58 6.91 4.19
C MET D 32 7.02 7.80 5.28
N GLU D 33 7.23 7.42 6.54
CA GLU D 33 6.82 8.27 7.65
C GLU D 33 8.03 9.07 8.16
N ASP D 34 8.50 8.81 9.40
CA ASP D 34 9.71 9.48 9.90
C ASP D 34 10.93 8.96 9.16
N VAL D 35 11.82 9.86 8.76
CA VAL D 35 13.08 9.47 8.14
C VAL D 35 14.20 10.19 8.86
N GLY D 36 15.37 9.56 8.92
CA GLY D 36 16.49 10.19 9.62
C GLY D 36 17.80 9.64 9.15
N TRP D 37 18.86 10.47 9.21
CA TRP D 37 20.22 10.03 9.01
C TRP D 37 20.94 9.92 10.35
N TYR D 38 21.72 8.85 10.49
CA TYR D 38 22.41 8.45 11.71
C TYR D 38 23.85 8.12 11.34
N ARG D 39 24.74 8.08 12.33
CA ARG D 39 26.11 7.71 12.03
C ARG D 39 26.74 6.94 13.18
N GLN D 40 27.69 6.07 12.84
CA GLN D 40 28.40 5.25 13.82
C GLN D 40 29.87 5.22 13.46
N ALA D 41 30.68 5.80 14.30
CA ALA D 41 32.13 5.76 14.25
C ALA D 41 32.64 4.62 15.14
N PRO D 42 33.77 4.01 14.79
CA PRO D 42 34.26 2.90 15.61
C PRO D 42 34.42 3.35 17.04
N GLY D 43 34.04 2.48 17.98
CA GLY D 43 34.18 2.77 19.39
C GLY D 43 33.20 3.78 19.95
N LYS D 44 32.13 4.08 19.21
CA LYS D 44 31.16 5.07 19.61
C LYS D 44 29.77 4.52 19.33
N ASP D 45 28.79 4.98 20.10
CA ASP D 45 27.40 4.60 19.83
C ASP D 45 26.92 5.24 18.54
N ARG D 46 25.98 4.56 17.88
CA ARG D 46 25.25 5.19 16.78
C ARG D 46 24.57 6.45 17.31
N GLU D 47 24.60 7.52 16.54
CA GLU D 47 23.97 8.77 16.95
C GLU D 47 23.11 9.33 15.84
N LEU D 48 22.05 10.03 16.25
CA LEU D 48 21.19 10.74 15.31
C LEU D 48 21.91 11.95 14.76
N VAL D 49 21.89 12.09 13.44
CA VAL D 49 22.50 13.23 12.77
C VAL D 49 21.44 14.26 12.37
N ALA D 50 20.36 13.80 11.74
CA ALA D 50 19.29 14.67 11.26
C ALA D 50 18.04 13.83 11.06
N GLU D 51 16.88 14.41 11.34
CA GLU D 51 15.60 13.72 11.18
C GLU D 51 14.55 14.67 10.63
N ILE D 52 13.65 14.14 9.80
CA ILE D 52 12.40 14.81 9.43
C ILE D 52 11.26 13.85 9.76
N THR D 53 10.40 14.23 10.72
CA THR D 53 9.29 13.35 11.06
C THR D 53 8.24 13.36 9.96
N THR D 54 7.29 12.43 10.05
CA THR D 54 6.18 12.43 9.10
C THR D 54 5.35 13.70 9.20
N LEU D 55 5.46 14.42 10.30
CA LEU D 55 4.72 15.66 10.45
C LEU D 55 5.50 16.87 9.96
N GLY D 56 6.75 16.70 9.52
CA GLY D 56 7.53 17.80 9.02
C GLY D 56 8.50 18.44 10.00
N LYS D 57 8.63 17.90 11.20
CA LYS D 57 9.57 18.46 12.18
C LYS D 57 10.99 18.05 11.80
N VAL D 58 11.88 19.02 11.69
CA VAL D 58 13.28 18.78 11.33
C VAL D 58 14.13 18.94 12.57
N THR D 59 14.93 17.93 12.88
CA THR D 59 15.86 17.93 14.01
C THR D 59 17.28 17.66 13.52
N TYR D 60 18.24 18.38 14.09
CA TYR D 60 19.65 18.25 13.77
C TYR D 60 20.46 18.05 15.04
N ALA D 61 21.46 17.17 14.97
CA ALA D 61 22.45 17.12 16.05
C ALA D 61 23.20 18.44 16.11
N ASP D 62 23.48 18.90 17.33
CA ASP D 62 24.12 20.21 17.49
C ASP D 62 25.47 20.27 16.79
N SER D 63 26.19 19.15 16.74
CA SER D 63 27.50 19.15 16.10
C SER D 63 27.44 19.20 14.58
N VAL D 64 26.26 19.05 13.97
CA VAL D 64 26.13 19.19 12.52
C VAL D 64 25.23 20.35 12.12
N LYS D 65 24.59 21.03 13.06
CA LYS D 65 23.66 22.11 12.71
C LYS D 65 24.40 23.21 11.96
N GLY D 66 23.79 23.67 10.86
CA GLY D 66 24.37 24.66 9.99
C GLY D 66 25.36 24.13 8.98
N ARG D 67 25.75 22.86 9.09
CA ARG D 67 26.69 22.24 8.17
C ARG D 67 26.07 21.11 7.35
N PHE D 68 25.10 20.38 7.91
CA PHE D 68 24.40 19.31 7.21
C PHE D 68 22.95 19.71 7.03
N THR D 69 22.37 19.34 5.88
CA THR D 69 20.97 19.62 5.56
C THR D 69 20.32 18.33 5.08
N ILE D 70 19.23 17.93 5.74
CA ILE D 70 18.50 16.74 5.35
C ILE D 70 17.30 17.17 4.53
N SER D 71 16.94 16.34 3.55
CA SER D 71 15.74 16.58 2.77
C SER D 71 15.14 15.24 2.39
N ARG D 72 13.88 15.29 1.94
CA ARG D 72 13.15 14.08 1.64
C ARG D 72 12.26 14.34 0.43
N ASP D 73 12.14 13.32 -0.40
CA ASP D 73 11.36 13.38 -1.62
C ASP D 73 10.33 12.27 -1.49
N ASP D 74 9.10 12.64 -1.20
CA ASP D 74 8.07 11.65 -0.93
C ASP D 74 7.39 11.16 -2.21
N ALA D 75 7.76 11.71 -3.37
CA ALA D 75 7.33 11.14 -4.65
C ALA D 75 8.27 10.04 -5.10
N LYS D 76 9.58 10.25 -4.96
CA LYS D 76 10.57 9.27 -5.34
C LYS D 76 10.96 8.35 -4.19
N ASN D 77 10.51 8.67 -2.98
CA ASN D 77 10.81 7.90 -1.79
C ASN D 77 12.32 7.79 -1.58
N ALA D 78 12.94 8.96 -1.44
CA ALA D 78 14.37 9.08 -1.24
C ALA D 78 14.61 10.09 -0.13
N VAL D 79 15.78 9.98 0.50
CA VAL D 79 16.15 10.84 1.62
C VAL D 79 17.61 11.22 1.45
N TYR D 80 17.91 12.51 1.59
CA TYR D 80 19.21 13.03 1.25
C TYR D 80 19.82 13.74 2.45
N LEU D 81 21.14 13.74 2.51
CA LEU D 81 21.90 14.48 3.52
C LEU D 81 23.01 15.22 2.80
N GLN D 82 22.87 16.53 2.69
CA GLN D 82 23.93 17.34 2.12
C GLN D 82 24.89 17.69 3.24
N MET D 83 26.15 17.31 3.09
CA MET D 83 27.17 17.51 4.13
C MET D 83 28.17 18.55 3.65
N SER D 84 28.16 19.71 4.30
CA SER D 84 29.07 20.80 3.97
C SER D 84 30.08 20.98 5.10
N ASP D 85 31.19 21.63 4.77
CA ASP D 85 32.20 22.04 5.78
C ASP D 85 32.62 20.84 6.65
N LEU D 86 32.97 19.74 5.97
CA LEU D 86 33.21 18.48 6.66
C LEU D 86 34.40 18.58 7.61
N LYS D 87 34.34 17.81 8.69
CA LYS D 87 35.42 17.76 9.67
C LYS D 87 35.82 16.31 9.91
N SER D 88 37.07 16.12 10.35
CA SER D 88 37.59 14.79 10.66
C SER D 88 36.64 13.98 11.52
N GLU D 89 36.10 14.62 12.57
CA GLU D 89 35.22 13.88 13.47
C GLU D 89 33.87 13.54 12.85
N ASP D 90 33.62 13.91 11.58
CA ASP D 90 32.43 13.40 10.91
C ASP D 90 32.66 12.01 10.34
N THR D 91 33.89 11.50 10.37
CA THR D 91 34.18 10.17 9.87
C THR D 91 33.32 9.13 10.58
N ALA D 92 32.59 8.34 9.80
CA ALA D 92 31.68 7.32 10.33
C ALA D 92 31.04 6.59 9.16
N VAL D 93 30.41 5.47 9.46
CA VAL D 93 29.43 4.92 8.55
C VAL D 93 28.10 5.60 8.83
N TYR D 94 27.47 6.12 7.79
CA TYR D 94 26.20 6.83 7.91
C TYR D 94 25.09 5.88 7.51
N TYR D 95 24.03 5.86 8.30
CA TYR D 95 22.91 4.95 8.08
C TYR D 95 21.63 5.76 7.98
N CYS D 96 20.79 5.47 6.96
CA CYS D 96 19.46 6.08 6.87
C CYS D 96 18.43 5.14 7.47
N ASN D 97 17.55 5.68 8.30
CA ASN D 97 16.44 4.92 8.83
C ASN D 97 15.16 5.42 8.19
N ILE D 98 14.40 4.50 7.60
CA ILE D 98 13.12 4.81 6.96
C ILE D 98 12.04 4.08 7.75
N GLU D 99 11.11 4.83 8.35
CA GLU D 99 9.80 4.26 8.69
C GLU D 99 8.99 4.08 7.43
N ALA D 100 8.39 2.91 7.26
CA ALA D 100 7.51 2.68 6.11
C ALA D 100 6.12 2.31 6.60
N ASP D 101 5.11 2.98 6.05
CA ASP D 101 3.72 2.61 6.31
C ASP D 101 3.42 1.37 5.46
N GLN D 102 3.25 0.22 6.12
CA GLN D 102 3.03 -1.06 5.47
C GLN D 102 1.57 -1.52 5.58
N THR D 103 0.68 -0.59 5.92
CA THR D 103 -0.74 -0.89 5.98
C THR D 103 -1.24 -1.45 4.66
N LYS D 104 -1.99 -2.55 4.74
CA LYS D 104 -2.70 -3.06 3.59
C LYS D 104 -4.15 -2.63 3.56
N GLY D 105 -4.79 -2.49 4.71
CA GLY D 105 -6.17 -2.05 4.75
C GLY D 105 -6.27 -0.58 5.11
N ILE D 106 -7.00 -0.30 6.19
CA ILE D 106 -7.11 1.02 6.78
C ILE D 106 -6.45 0.96 8.15
N GLY D 107 -5.45 1.80 8.38
CA GLY D 107 -4.72 1.74 9.62
C GLY D 107 -3.40 2.51 9.52
N TYR D 108 -2.45 2.10 10.35
CA TYR D 108 -1.19 2.80 10.42
C TYR D 108 -0.12 1.82 10.91
N VAL D 109 0.11 0.79 10.11
CA VAL D 109 1.14 -0.20 10.37
C VAL D 109 2.46 0.39 9.89
N VAL D 110 3.36 0.70 10.82
CA VAL D 110 4.60 1.38 10.47
C VAL D 110 5.75 0.63 11.12
N TYR D 111 6.73 0.24 10.31
CA TYR D 111 7.95 -0.36 10.84
C TYR D 111 9.17 0.46 10.44
N PRO D 112 10.20 0.50 11.29
CA PRO D 112 11.45 1.18 10.92
C PRO D 112 12.39 0.24 10.21
N TYR D 113 13.09 0.76 9.19
CA TYR D 113 13.99 -0.06 8.39
C TYR D 113 15.35 0.59 8.34
N TRP D 114 16.39 -0.26 8.30
CA TRP D 114 17.78 0.16 8.21
C TRP D 114 18.44 -0.59 7.05
N GLY D 115 19.54 -0.02 6.56
CA GLY D 115 20.33 -0.67 5.53
C GLY D 115 21.78 -0.85 5.92
N GLN D 116 22.64 -1.09 4.93
CA GLN D 116 24.05 -1.33 5.16
C GLN D 116 24.82 -0.05 5.39
N GLY D 117 24.22 1.09 5.13
CA GLY D 117 24.89 2.36 5.33
C GLY D 117 25.87 2.66 4.22
N THR D 118 26.50 3.83 4.31
CA THR D 118 27.50 4.27 3.35
C THR D 118 28.63 4.96 4.11
N ARG D 119 29.87 4.61 3.79
CA ARG D 119 31.02 5.00 4.59
C ARG D 119 31.49 6.41 4.22
N VAL D 120 31.70 7.24 5.23
CA VAL D 120 32.24 8.59 5.05
C VAL D 120 33.59 8.65 5.75
N THR D 121 34.63 9.00 5.00
CA THR D 121 35.97 9.23 5.54
C THR D 121 36.36 10.68 5.30
N VAL D 122 36.58 11.43 6.39
CA VAL D 122 37.12 12.78 6.30
C VAL D 122 38.56 12.73 6.83
N SER D 123 39.53 12.91 5.94
CA SER D 123 40.94 12.89 6.28
C SER D 123 41.27 13.97 7.32
N SER D 124 42.49 13.91 7.83
CA SER D 124 42.92 14.92 8.79
C SER D 124 43.45 16.15 8.03
#